data_4ZSK
#
_entry.id   4ZSK
#
_cell.length_a   54.211
_cell.length_b   54.211
_cell.length_c   222.512
_cell.angle_alpha   90.00
_cell.angle_beta   90.00
_cell.angle_gamma   120.00
#
_symmetry.space_group_name_H-M   'P 32 2 1'
#
loop_
_entity.id
_entity.type
_entity.pdbx_description
1 polymer 'HTH-type transcriptional repressor DasR'
2 non-polymer 2-acetamido-2-deoxy-6-O-phosphono-alpha-D-glucopyranose
3 non-polymer 1,2-ETHANEDIOL
4 non-polymer 2-acetamido-2-deoxy-6-O-phosphono-beta-D-glucopyranose
5 water water
#
_entity_poly.entity_id   1
_entity_poly.type   'polypeptide(L)'
_entity_poly.pdbx_seq_one_letter_code
;GSHMKVSQALQLTSYTEDMRAQGLEPTSQLLDIGYITADDRLAGLLDITAGGRVLRIERLRMANGEPMAIETTHLSAKRF
PALRRSLVKYTSLYTALAEVYDVHLAEAEETIETSLATPREAGLLGTDVGLPMLMLSRHSQDRTGQPVEWVRSVYRGDRY
KFVARLKRPQD
;
_entity_poly.pdbx_strand_id   A,B
#
# COMPACT_ATOMS: atom_id res chain seq x y z
N MET A 4 3.90 3.96 -16.80
CA MET A 4 2.55 4.04 -17.36
C MET A 4 1.51 4.10 -16.25
N LYS A 5 1.87 3.61 -15.06
CA LYS A 5 0.98 3.69 -13.91
C LYS A 5 1.05 5.08 -13.27
N VAL A 6 -0.07 5.58 -12.76
CA VAL A 6 -0.05 6.78 -11.93
C VAL A 6 0.66 6.45 -10.62
N SER A 7 1.61 7.30 -10.20
CA SER A 7 2.25 7.16 -8.89
C SER A 7 1.57 8.05 -7.88
N GLN A 8 0.79 7.45 -6.98
CA GLN A 8 0.05 8.19 -5.96
C GLN A 8 0.72 8.16 -4.59
N ALA A 9 1.14 9.32 -4.09
CA ALA A 9 1.68 9.40 -2.74
C ALA A 9 0.59 9.07 -1.74
N LEU A 10 0.92 8.27 -0.73
CA LEU A 10 -0.01 8.00 0.36
C LEU A 10 -0.10 9.16 1.32
N GLN A 11 -1.17 9.93 1.22
CA GLN A 11 -1.35 11.12 2.05
C GLN A 11 -2.82 11.44 2.27
N LEU A 12 -3.11 12.20 3.33
CA LEU A 12 -4.49 12.49 3.68
C LEU A 12 -5.04 13.57 2.76
N THR A 13 -5.35 13.18 1.53
CA THR A 13 -5.77 14.12 0.50
C THR A 13 -6.99 13.59 -0.25
N SER A 14 -7.72 14.49 -0.90
CA SER A 14 -8.89 14.12 -1.68
C SER A 14 -8.49 13.64 -3.08
N TYR A 15 -9.36 12.84 -3.69
CA TYR A 15 -9.18 12.42 -5.08
C TYR A 15 -9.01 13.64 -5.97
N THR A 16 -9.78 14.69 -5.68
CA THR A 16 -9.70 15.93 -6.44
C THR A 16 -8.31 16.57 -6.27
N GLU A 17 -7.80 16.57 -5.05
CA GLU A 17 -6.47 17.11 -4.79
C GLU A 17 -5.41 16.27 -5.49
N ASP A 18 -5.52 14.96 -5.34
CA ASP A 18 -4.58 14.01 -5.95
C ASP A 18 -4.48 14.16 -7.47
N MET A 19 -5.61 14.35 -8.14
CA MET A 19 -5.60 14.41 -9.60
C MET A 19 -5.00 15.74 -10.10
N ARG A 20 -5.20 16.80 -9.33
CA ARG A 20 -4.60 18.08 -9.68
C ARG A 20 -3.09 18.04 -9.46
N ALA A 21 -2.65 17.18 -8.57
CA ALA A 21 -1.22 16.94 -8.39
C ALA A 21 -0.66 16.26 -9.64
N GLN A 22 -1.43 15.34 -10.20
CA GLN A 22 -1.02 14.58 -11.38
C GLN A 22 -1.14 15.36 -12.68
N GLY A 23 -1.79 16.52 -12.61
CA GLY A 23 -2.03 17.32 -13.80
C GLY A 23 -3.15 16.75 -14.64
N LEU A 24 -4.01 15.95 -14.01
CA LEU A 24 -5.12 15.31 -14.68
C LEU A 24 -6.43 15.92 -14.22
N GLU A 25 -7.45 15.85 -15.07
CA GLU A 25 -8.74 16.42 -14.71
C GLU A 25 -9.62 15.39 -14.02
N PRO A 26 -10.02 15.67 -12.76
CA PRO A 26 -10.88 14.75 -12.03
C PRO A 26 -12.37 14.97 -12.31
N THR A 27 -13.05 13.94 -12.79
CA THR A 27 -14.51 13.96 -12.84
C THR A 27 -15.04 12.72 -12.15
N SER A 28 -16.33 12.74 -11.82
CA SER A 28 -16.93 11.62 -11.13
C SER A 28 -18.33 11.35 -11.63
N GLN A 29 -18.74 10.11 -11.48
CA GLN A 29 -20.05 9.67 -11.91
C GLN A 29 -20.71 9.02 -10.71
N LEU A 30 -21.85 9.59 -10.32
CA LEU A 30 -22.55 9.08 -9.16
C LEU A 30 -23.24 7.79 -9.55
N LEU A 31 -22.77 6.68 -8.99
CA LEU A 31 -23.29 5.39 -9.36
C LEU A 31 -24.50 5.08 -8.48
N ASP A 32 -24.43 5.53 -7.24
CA ASP A 32 -25.52 5.33 -6.28
C ASP A 32 -25.26 6.18 -5.04
N ILE A 33 -26.36 6.59 -4.41
CA ILE A 33 -26.31 7.40 -3.21
C ILE A 33 -27.59 7.12 -2.43
N GLY A 34 -27.48 7.10 -1.11
CA GLY A 34 -28.63 6.84 -0.28
C GLY A 34 -28.24 6.39 1.10
N TYR A 35 -29.23 5.96 1.87
CA TYR A 35 -29.01 5.66 3.27
C TYR A 35 -29.11 4.17 3.53
N ILE A 36 -28.28 3.69 4.45
CA ILE A 36 -28.35 2.30 4.90
C ILE A 36 -28.37 2.26 6.41
N THR A 37 -28.72 1.09 6.95
CA THR A 37 -28.69 0.88 8.37
C THR A 37 -27.33 0.30 8.72
N ALA A 38 -26.65 0.86 9.71
CA ALA A 38 -25.34 0.37 10.07
C ALA A 38 -25.45 -0.92 10.88
N ASP A 39 -24.63 -1.91 10.54
CA ASP A 39 -24.47 -3.09 11.37
C ASP A 39 -23.45 -2.74 12.46
N ASP A 40 -23.10 -3.70 13.30
CA ASP A 40 -22.25 -3.41 14.44
C ASP A 40 -20.86 -2.92 14.00
N ARG A 41 -20.37 -3.46 12.89
CA ARG A 41 -19.06 -3.09 12.37
C ARG A 41 -19.01 -1.63 11.90
N LEU A 42 -19.95 -1.26 11.05
CA LEU A 42 -19.99 0.10 10.51
C LEU A 42 -20.34 1.11 11.61
N ALA A 43 -21.18 0.68 12.56
CA ALA A 43 -21.54 1.53 13.69
C ALA A 43 -20.31 1.90 14.54
N GLY A 44 -19.46 0.92 14.82
CA GLY A 44 -18.25 1.18 15.59
C GLY A 44 -17.27 2.08 14.84
N LEU A 45 -17.19 1.91 13.53
CA LEU A 45 -16.27 2.71 12.73
C LEU A 45 -16.70 4.18 12.67
N LEU A 46 -18.00 4.44 12.72
CA LEU A 46 -18.48 5.82 12.63
C LEU A 46 -18.94 6.34 14.00
N ASP A 47 -18.71 5.54 15.04
CA ASP A 47 -19.11 5.88 16.41
C ASP A 47 -20.56 6.34 16.46
N ILE A 48 -21.44 5.51 15.92
CA ILE A 48 -22.87 5.74 16.00
C ILE A 48 -23.54 4.52 16.63
N THR A 49 -24.79 4.69 17.02
CA THR A 49 -25.55 3.59 17.59
C THR A 49 -25.84 2.56 16.51
N ALA A 50 -25.75 1.28 16.87
CA ALA A 50 -26.11 0.21 15.95
C ALA A 50 -27.52 0.44 15.44
N GLY A 51 -27.73 0.15 14.16
CA GLY A 51 -28.99 0.48 13.52
C GLY A 51 -29.02 1.90 12.97
N GLY A 52 -28.03 2.71 13.33
CA GLY A 52 -27.98 4.11 12.94
C GLY A 52 -27.88 4.31 11.44
N ARG A 53 -28.27 5.49 10.97
CA ARG A 53 -28.37 5.73 9.54
C ARG A 53 -27.04 6.23 8.96
N VAL A 54 -26.64 5.60 7.87
CA VAL A 54 -25.37 5.90 7.22
C VAL A 54 -25.63 6.35 5.80
N LEU A 55 -25.09 7.51 5.45
CA LEU A 55 -25.03 7.96 4.07
C LEU A 55 -23.97 7.16 3.33
N ARG A 56 -24.37 6.48 2.26
CA ARG A 56 -23.43 5.74 1.46
C ARG A 56 -23.40 6.35 0.06
N ILE A 57 -22.19 6.67 -0.38
CA ILE A 57 -21.93 7.33 -1.65
C ILE A 57 -21.04 6.47 -2.51
N GLU A 58 -21.48 6.14 -3.72
CA GLU A 58 -20.65 5.33 -4.59
C GLU A 58 -20.37 6.10 -5.86
N ARG A 59 -19.10 6.31 -6.15
CA ARG A 59 -18.69 7.11 -7.28
C ARG A 59 -17.64 6.47 -8.13
N LEU A 60 -17.77 6.61 -9.45
CA LEU A 60 -16.71 6.24 -10.36
C LEU A 60 -15.81 7.43 -10.47
N ARG A 61 -14.53 7.27 -10.15
CA ARG A 61 -13.59 8.38 -10.28
C ARG A 61 -12.81 8.23 -11.58
N MET A 62 -12.82 9.29 -12.38
CA MET A 62 -12.15 9.27 -13.67
C MET A 62 -11.01 10.28 -13.71
N ALA A 63 -10.02 9.99 -14.55
CA ALA A 63 -8.93 10.92 -14.85
C ALA A 63 -8.93 11.15 -16.37
N ASN A 64 -9.26 12.38 -16.77
CA ASN A 64 -9.37 12.69 -18.20
C ASN A 64 -10.32 11.72 -18.88
N GLY A 65 -11.49 11.55 -18.28
CA GLY A 65 -12.52 10.67 -18.83
C GLY A 65 -12.31 9.17 -18.76
N GLU A 66 -11.13 8.73 -18.34
CA GLU A 66 -10.87 7.28 -18.24
C GLU A 66 -11.13 6.77 -16.82
N PRO A 67 -11.89 5.67 -16.69
CA PRO A 67 -12.18 5.12 -15.36
C PRO A 67 -10.89 4.75 -14.62
N MET A 68 -10.80 5.11 -13.35
N MET A 68 -10.83 5.12 -13.35
CA MET A 68 -9.61 4.81 -12.55
CA MET A 68 -9.64 4.88 -12.53
C MET A 68 -9.94 3.97 -11.32
C MET A 68 -9.95 3.98 -11.35
N ALA A 69 -11.01 4.33 -10.64
CA ALA A 69 -11.38 3.67 -9.41
C ALA A 69 -12.86 3.83 -9.12
N ILE A 70 -13.40 2.90 -8.34
CA ILE A 70 -14.74 3.07 -7.78
C ILE A 70 -14.57 3.23 -6.28
N GLU A 71 -15.15 4.29 -5.72
CA GLU A 71 -15.06 4.59 -4.28
C GLU A 71 -16.43 4.56 -3.62
N THR A 72 -16.50 3.87 -2.50
CA THR A 72 -17.72 3.81 -1.73
C THR A 72 -17.46 4.35 -0.32
N THR A 73 -18.02 5.53 -0.05
CA THR A 73 -17.81 6.26 1.18
C THR A 73 -19.03 6.17 2.10
N HIS A 74 -18.76 6.11 3.39
CA HIS A 74 -19.78 5.95 4.42
C HIS A 74 -19.60 7.03 5.46
N LEU A 75 -20.65 7.79 5.75
CA LEU A 75 -20.63 8.84 6.76
C LEU A 75 -21.90 8.79 7.59
N SER A 76 -21.85 9.37 8.77
CA SER A 76 -23.03 9.37 9.65
C SER A 76 -24.09 10.34 9.15
N ALA A 77 -25.26 9.81 8.82
CA ALA A 77 -26.34 10.66 8.32
C ALA A 77 -26.83 11.63 9.39
N LYS A 78 -26.77 11.18 10.64
CA LYS A 78 -27.19 12.01 11.78
C LYS A 78 -26.33 13.25 11.93
N ARG A 79 -25.01 13.07 11.83
CA ARG A 79 -24.11 14.21 11.87
C ARG A 79 -24.20 15.09 10.63
N PHE A 80 -24.40 14.49 9.47
CA PHE A 80 -24.37 15.24 8.21
C PHE A 80 -25.65 15.07 7.38
N PRO A 81 -26.81 15.51 7.93
CA PRO A 81 -28.09 15.25 7.27
C PRO A 81 -28.29 15.93 5.91
N ALA A 82 -27.56 17.02 5.64
CA ALA A 82 -27.73 17.72 4.37
C ALA A 82 -26.58 17.45 3.39
N LEU A 83 -25.73 16.51 3.74
CA LEU A 83 -24.55 16.25 2.91
C LEU A 83 -24.92 15.59 1.58
N ARG A 84 -25.87 14.66 1.60
CA ARG A 84 -26.33 14.00 0.38
C ARG A 84 -26.71 15.05 -0.66
N ARG A 85 -27.56 15.99 -0.26
CA ARG A 85 -28.01 17.05 -1.14
C ARG A 85 -26.87 18.01 -1.51
N SER A 86 -25.99 18.27 -0.57
CA SER A 86 -24.87 19.19 -0.78
C SER A 86 -23.92 18.74 -1.89
N LEU A 87 -23.82 17.43 -2.07
CA LEU A 87 -22.92 16.89 -3.10
C LEU A 87 -23.40 17.20 -4.52
N VAL A 88 -24.64 17.67 -4.65
CA VAL A 88 -25.13 18.15 -5.93
C VAL A 88 -24.33 19.41 -6.30
N LYS A 89 -23.90 20.12 -5.27
CA LYS A 89 -23.22 21.41 -5.43
C LYS A 89 -21.69 21.27 -5.42
N TYR A 90 -21.19 20.23 -4.78
CA TYR A 90 -19.75 19.99 -4.70
C TYR A 90 -19.33 18.73 -5.42
N THR A 91 -18.22 18.79 -6.13
CA THR A 91 -17.67 17.59 -6.73
C THR A 91 -16.76 16.90 -5.73
N SER A 92 -16.14 17.68 -4.84
CA SER A 92 -15.27 17.13 -3.81
C SER A 92 -16.00 16.95 -2.48
N LEU A 93 -16.00 15.73 -1.97
CA LEU A 93 -16.57 15.46 -0.66
C LEU A 93 -15.83 16.20 0.44
N TYR A 94 -14.51 16.25 0.35
CA TYR A 94 -13.75 16.91 1.40
C TYR A 94 -14.03 18.40 1.39
N THR A 95 -14.21 18.95 0.20
CA THR A 95 -14.54 20.37 0.11
C THR A 95 -15.92 20.65 0.73
N ALA A 96 -16.88 19.78 0.43
CA ALA A 96 -18.22 19.89 1.00
C ALA A 96 -18.19 19.84 2.53
N LEU A 97 -17.44 18.91 3.11
CA LEU A 97 -17.38 18.81 4.57
C LEU A 97 -16.81 20.07 5.22
N ALA A 98 -15.78 20.64 4.60
CA ALA A 98 -15.16 21.85 5.13
C ALA A 98 -16.11 23.04 5.03
N GLU A 99 -16.72 23.21 3.87
CA GLU A 99 -17.49 24.43 3.63
C GLU A 99 -18.88 24.35 4.25
N VAL A 100 -19.50 23.17 4.25
CA VAL A 100 -20.88 23.08 4.77
C VAL A 100 -20.88 22.88 6.27
N TYR A 101 -19.94 22.08 6.78
CA TYR A 101 -19.96 21.65 8.17
C TYR A 101 -18.72 22.04 8.99
N ASP A 102 -17.76 22.71 8.36
CA ASP A 102 -16.50 23.11 8.99
C ASP A 102 -15.82 21.92 9.61
N VAL A 103 -15.81 20.82 8.85
CA VAL A 103 -15.19 19.60 9.29
C VAL A 103 -13.94 19.35 8.44
N HIS A 104 -12.83 19.07 9.12
CA HIS A 104 -11.54 18.95 8.44
C HIS A 104 -10.84 17.70 8.91
N LEU A 105 -10.36 16.91 7.94
CA LEU A 105 -9.73 15.65 8.30
C LEU A 105 -8.33 15.88 8.85
N ALA A 106 -7.96 15.12 9.88
CA ALA A 106 -6.66 15.31 10.52
C ALA A 106 -5.79 14.04 10.52
N GLU A 107 -6.44 12.88 10.63
CA GLU A 107 -5.72 11.61 10.65
C GLU A 107 -6.55 10.54 9.96
N ALA A 108 -5.87 9.59 9.32
CA ALA A 108 -6.56 8.46 8.73
C ALA A 108 -5.69 7.20 8.78
N GLU A 109 -6.35 6.06 8.83
CA GLU A 109 -5.68 4.81 8.62
C GLU A 109 -6.09 4.29 7.24
N GLU A 110 -5.12 3.96 6.41
CA GLU A 110 -5.42 3.41 5.10
C GLU A 110 -4.86 1.99 4.96
N THR A 111 -5.69 1.09 4.45
CA THR A 111 -5.27 -0.30 4.25
C THR A 111 -5.22 -0.58 2.74
N ILE A 112 -4.22 -1.33 2.32
CA ILE A 112 -4.02 -1.65 0.92
C ILE A 112 -3.92 -3.16 0.76
N GLU A 113 -4.77 -3.71 -0.08
CA GLU A 113 -4.79 -5.14 -0.36
C GLU A 113 -4.99 -5.33 -1.85
N THR A 114 -4.92 -6.57 -2.30
CA THR A 114 -5.27 -6.82 -3.69
C THR A 114 -6.30 -7.94 -3.76
N SER A 115 -7.21 -7.84 -4.73
CA SER A 115 -8.04 -8.98 -5.06
C SER A 115 -8.70 -8.72 -6.42
N LEU A 116 -9.82 -9.37 -6.68
CA LEU A 116 -10.46 -9.30 -7.99
C LEU A 116 -11.76 -8.51 -7.94
N ALA A 117 -12.09 -7.89 -9.06
CA ALA A 117 -13.28 -7.08 -9.16
C ALA A 117 -14.51 -7.95 -9.26
N THR A 118 -15.66 -7.41 -8.86
CA THR A 118 -16.93 -8.03 -9.21
C THR A 118 -17.20 -7.84 -10.72
N PRO A 119 -18.13 -8.63 -11.28
CA PRO A 119 -18.50 -8.41 -12.68
C PRO A 119 -18.89 -6.96 -12.98
N ARG A 120 -19.67 -6.35 -12.08
CA ARG A 120 -20.12 -4.98 -12.30
C ARG A 120 -18.96 -3.99 -12.28
N GLU A 121 -18.08 -4.13 -11.29
CA GLU A 121 -16.91 -3.24 -11.19
C GLU A 121 -16.03 -3.35 -12.43
N ALA A 122 -15.78 -4.57 -12.86
CA ALA A 122 -14.93 -4.76 -14.05
C ALA A 122 -15.55 -4.10 -15.27
N GLY A 123 -16.87 -4.18 -15.41
CA GLY A 123 -17.56 -3.53 -16.51
C GLY A 123 -17.42 -2.03 -16.46
N LEU A 124 -17.58 -1.48 -15.26
CA LEU A 124 -17.46 -0.04 -15.04
C LEU A 124 -16.05 0.47 -15.32
N LEU A 125 -15.06 -0.33 -14.95
CA LEU A 125 -13.68 0.13 -15.04
C LEU A 125 -13.06 -0.23 -16.39
N GLY A 126 -13.77 -1.05 -17.14
CA GLY A 126 -13.33 -1.50 -18.45
C GLY A 126 -12.17 -2.47 -18.39
N THR A 127 -12.09 -3.22 -17.30
CA THR A 127 -10.99 -4.15 -17.10
C THR A 127 -11.46 -5.59 -17.24
N ASP A 128 -10.54 -6.46 -17.63
CA ASP A 128 -10.83 -7.90 -17.62
C ASP A 128 -11.04 -8.35 -16.18
N VAL A 129 -12.06 -9.16 -15.94
CA VAL A 129 -12.43 -9.49 -14.58
C VAL A 129 -11.29 -10.22 -13.82
N GLY A 130 -10.35 -10.82 -14.55
CA GLY A 130 -9.23 -11.54 -13.95
C GLY A 130 -8.02 -10.67 -13.59
N LEU A 131 -8.14 -9.37 -13.84
CA LEU A 131 -7.10 -8.41 -13.53
C LEU A 131 -6.98 -8.14 -12.01
N PRO A 132 -5.77 -8.29 -11.44
CA PRO A 132 -5.58 -7.94 -10.03
C PRO A 132 -5.93 -6.48 -9.78
N MET A 133 -6.64 -6.19 -8.70
CA MET A 133 -7.04 -4.83 -8.41
C MET A 133 -6.46 -4.41 -7.06
N LEU A 134 -6.31 -3.11 -6.86
CA LEU A 134 -5.84 -2.60 -5.58
C LEU A 134 -7.05 -2.23 -4.73
N MET A 135 -7.28 -2.98 -3.66
CA MET A 135 -8.42 -2.76 -2.79
C MET A 135 -7.96 -1.95 -1.59
N LEU A 136 -8.45 -0.71 -1.51
CA LEU A 136 -8.09 0.21 -0.43
C LEU A 136 -9.24 0.50 0.52
N SER A 137 -8.93 0.66 1.80
N SER A 137 -8.91 0.75 1.78
CA SER A 137 -9.90 1.20 2.73
CA SER A 137 -9.92 1.16 2.76
C SER A 137 -9.27 2.42 3.40
C SER A 137 -9.35 2.29 3.61
N ARG A 138 -10.10 3.38 3.78
CA ARG A 138 -9.62 4.54 4.53
C ARG A 138 -10.59 4.85 5.64
N HIS A 139 -10.07 4.95 6.86
CA HIS A 139 -10.83 5.31 8.06
C HIS A 139 -10.29 6.64 8.56
N SER A 140 -11.04 7.72 8.38
CA SER A 140 -10.54 9.06 8.67
C SER A 140 -11.21 9.69 9.88
N GLN A 141 -10.45 10.49 10.64
CA GLN A 141 -11.03 11.25 11.73
C GLN A 141 -10.70 12.74 11.62
N ASP A 142 -11.56 13.58 12.19
CA ASP A 142 -11.43 15.02 12.02
C ASP A 142 -10.55 15.62 13.13
N ARG A 143 -10.48 16.95 13.18
CA ARG A 143 -9.60 17.62 14.13
C ARG A 143 -10.09 17.54 15.57
N THR A 144 -11.30 17.04 15.76
CA THR A 144 -11.82 16.86 17.11
C THR A 144 -11.73 15.40 17.51
N GLY A 145 -11.11 14.58 16.66
CA GLY A 145 -10.91 13.19 16.97
C GLY A 145 -12.11 12.29 16.68
N GLN A 146 -13.17 12.85 16.10
CA GLN A 146 -14.33 12.04 15.70
C GLN A 146 -14.09 11.38 14.33
N PRO A 147 -14.46 10.10 14.19
CA PRO A 147 -14.39 9.46 12.87
C PRO A 147 -15.36 10.15 11.91
N VAL A 148 -14.95 10.38 10.66
CA VAL A 148 -15.80 11.09 9.73
C VAL A 148 -16.28 10.18 8.59
N GLU A 149 -15.37 9.38 8.06
CA GLU A 149 -15.73 8.50 6.95
C GLU A 149 -15.11 7.13 7.09
N TRP A 150 -15.75 6.14 6.48
CA TRP A 150 -15.10 4.87 6.19
C TRP A 150 -15.30 4.60 4.71
N VAL A 151 -14.19 4.40 3.98
CA VAL A 151 -14.22 4.33 2.53
C VAL A 151 -13.62 3.02 2.08
N ARG A 152 -14.30 2.32 1.18
CA ARG A 152 -13.69 1.16 0.54
C ARG A 152 -13.63 1.41 -0.96
N SER A 153 -12.48 1.14 -1.56
CA SER A 153 -12.26 1.50 -2.94
C SER A 153 -11.63 0.39 -3.75
N VAL A 154 -11.83 0.45 -5.06
CA VAL A 154 -11.23 -0.51 -5.97
C VAL A 154 -10.52 0.31 -7.04
N TYR A 155 -9.19 0.27 -7.03
CA TYR A 155 -8.36 0.96 -7.99
C TYR A 155 -7.84 -0.02 -9.03
N ARG A 156 -7.91 0.37 -10.30
CA ARG A 156 -7.37 -0.47 -11.37
C ARG A 156 -5.91 -0.86 -11.14
N GLY A 157 -5.64 -2.16 -11.12
CA GLY A 157 -4.29 -2.66 -10.87
C GLY A 157 -3.28 -2.28 -11.94
N ASP A 158 -3.77 -2.03 -13.15
CA ASP A 158 -2.88 -1.69 -14.27
C ASP A 158 -2.65 -0.18 -14.40
N ARG A 159 -3.21 0.62 -13.51
CA ARG A 159 -3.10 2.07 -13.62
C ARG A 159 -2.58 2.76 -12.37
N TYR A 160 -2.37 2.00 -11.30
CA TYR A 160 -2.05 2.61 -10.02
C TYR A 160 -0.88 1.93 -9.34
N LYS A 161 0.00 2.75 -8.78
CA LYS A 161 0.87 2.29 -7.71
C LYS A 161 0.93 3.37 -6.65
N PHE A 162 1.09 2.93 -5.42
CA PHE A 162 1.11 3.85 -4.30
C PHE A 162 2.52 3.95 -3.78
N VAL A 163 2.87 5.14 -3.30
CA VAL A 163 4.21 5.39 -2.83
C VAL A 163 4.14 5.95 -1.42
N ALA A 164 5.00 5.41 -0.54
CA ALA A 164 5.06 5.89 0.84
C ALA A 164 6.50 6.25 1.25
N ARG A 165 6.67 7.35 1.98
CA ARG A 165 7.97 7.65 2.56
C ARG A 165 8.07 7.04 3.95
N LEU A 166 9.14 6.29 4.20
CA LEU A 166 9.34 5.66 5.49
C LEU A 166 10.49 6.32 6.21
N LYS A 167 10.38 6.38 7.54
CA LYS A 167 11.43 6.93 8.40
C LYS A 167 11.70 5.97 9.53
N ARG A 168 12.98 5.79 9.87
CA ARG A 168 13.35 4.97 11.01
C ARG A 168 13.19 5.77 12.29
N PRO A 169 12.22 5.37 13.14
CA PRO A 169 11.82 6.06 14.38
C PRO A 169 13.00 6.41 15.29
N LYS B 5 -6.22 -12.52 6.03
CA LYS B 5 -5.22 -11.53 5.65
C LYS B 5 -4.61 -10.88 6.90
N VAL B 6 -3.29 -10.93 7.02
CA VAL B 6 -2.59 -10.40 8.19
C VAL B 6 -2.08 -8.97 7.93
N SER B 7 -2.25 -8.10 8.92
CA SER B 7 -1.94 -6.68 8.76
C SER B 7 -0.48 -6.37 9.10
N GLN B 8 0.03 -5.26 8.57
CA GLN B 8 1.41 -4.87 8.77
C GLN B 8 1.62 -3.39 8.44
N ALA B 9 1.96 -2.61 9.46
CA ALA B 9 2.11 -1.17 9.31
C ALA B 9 3.30 -0.86 8.41
N LEU B 10 3.11 0.12 7.54
CA LEU B 10 4.18 0.59 6.69
C LEU B 10 5.08 1.52 7.50
N GLN B 11 6.26 1.01 7.85
N GLN B 11 6.25 1.04 7.89
CA GLN B 11 7.24 1.68 8.69
CA GLN B 11 7.28 1.95 8.37
C GLN B 11 8.63 1.20 8.29
C GLN B 11 8.62 1.29 8.20
N LEU B 12 9.68 2.01 8.54
CA LEU B 12 11.01 1.53 8.23
C LEU B 12 11.41 0.54 9.31
N THR B 13 10.87 -0.66 9.18
CA THR B 13 11.18 -1.76 10.08
C THR B 13 11.54 -2.99 9.26
N SER B 14 12.19 -3.95 9.90
CA SER B 14 12.51 -5.21 9.25
C SER B 14 11.31 -6.15 9.26
N TYR B 15 11.39 -7.18 8.43
CA TYR B 15 10.45 -8.29 8.44
C TYR B 15 10.39 -8.91 9.82
N THR B 16 11.56 -9.13 10.38
CA THR B 16 11.73 -9.68 11.71
C THR B 16 11.03 -8.84 12.78
N GLU B 17 11.27 -7.52 12.77
CA GLU B 17 10.58 -6.62 13.69
C GLU B 17 9.06 -6.66 13.52
N ASP B 18 8.61 -6.64 12.26
CA ASP B 18 7.18 -6.60 11.96
C ASP B 18 6.47 -7.86 12.45
N MET B 19 7.13 -9.00 12.28
CA MET B 19 6.56 -10.27 12.71
C MET B 19 6.48 -10.38 14.22
N ARG B 20 7.53 -9.92 14.90
CA ARG B 20 7.54 -9.96 16.35
C ARG B 20 6.64 -8.85 16.91
N ALA B 21 6.32 -7.88 16.07
CA ALA B 21 5.32 -6.86 16.42
C ALA B 21 3.95 -7.50 16.60
N GLN B 22 3.66 -8.51 15.79
CA GLN B 22 2.50 -9.36 16.04
C GLN B 22 2.92 -10.49 16.97
N GLY B 23 2.13 -11.55 16.99
CA GLY B 23 2.47 -12.70 17.80
C GLY B 23 3.12 -13.75 16.93
N LEU B 24 3.36 -13.38 15.67
CA LEU B 24 3.85 -14.30 14.67
C LEU B 24 5.35 -14.49 14.78
N GLU B 25 5.81 -15.71 14.53
CA GLU B 25 7.22 -16.01 14.62
C GLU B 25 7.88 -16.01 13.24
N PRO B 26 8.82 -15.08 13.01
CA PRO B 26 9.44 -14.99 11.68
C PRO B 26 10.46 -16.10 11.41
N THR B 27 10.30 -16.80 10.30
CA THR B 27 11.39 -17.64 9.80
C THR B 27 11.52 -17.41 8.31
N SER B 28 12.71 -17.71 7.79
CA SER B 28 12.96 -17.48 6.38
C SER B 28 13.75 -18.65 5.86
N GLN B 29 13.67 -18.85 4.55
CA GLN B 29 14.54 -19.80 3.90
C GLN B 29 15.37 -19.03 2.88
N LEU B 30 16.69 -19.21 2.94
CA LEU B 30 17.57 -18.61 1.95
C LEU B 30 17.54 -19.44 0.68
N LEU B 31 16.92 -18.90 -0.38
CA LEU B 31 16.71 -19.62 -1.62
C LEU B 31 17.92 -19.62 -2.52
N ASP B 32 18.58 -18.47 -2.58
CA ASP B 32 19.71 -18.27 -3.46
C ASP B 32 20.42 -16.97 -3.06
N ILE B 33 21.70 -16.89 -3.39
CA ILE B 33 22.45 -15.66 -3.22
C ILE B 33 23.61 -15.66 -4.20
N GLY B 34 23.87 -14.53 -4.84
CA GLY B 34 24.93 -14.51 -5.83
C GLY B 34 25.14 -13.15 -6.44
N TYR B 35 26.15 -13.04 -7.29
CA TYR B 35 26.45 -11.78 -7.94
C TYR B 35 25.73 -11.67 -9.28
N ILE B 36 25.24 -10.48 -9.55
CA ILE B 36 24.75 -10.14 -10.88
C ILE B 36 25.42 -8.85 -11.29
N THR B 37 25.30 -8.52 -12.58
CA THR B 37 25.84 -7.27 -13.09
C THR B 37 24.75 -6.21 -13.14
N ALA B 38 25.04 -5.02 -12.61
CA ALA B 38 24.04 -3.96 -12.58
C ALA B 38 23.82 -3.36 -13.96
N ASP B 39 22.55 -3.24 -14.36
CA ASP B 39 22.22 -2.43 -15.53
C ASP B 39 22.15 -0.98 -15.08
N ASP B 40 21.83 -0.05 -15.98
CA ASP B 40 21.73 1.36 -15.62
C ASP B 40 20.73 1.60 -14.50
N ARG B 41 19.61 0.89 -14.54
N ARG B 41 19.61 0.88 -14.56
CA ARG B 41 18.57 1.04 -13.55
CA ARG B 41 18.56 1.02 -13.56
C ARG B 41 19.09 0.74 -12.14
C ARG B 41 19.09 0.74 -12.15
N LEU B 42 19.63 -0.47 -11.96
CA LEU B 42 20.13 -0.88 -10.64
C LEU B 42 21.33 -0.07 -10.21
N ALA B 43 22.19 0.26 -11.17
CA ALA B 43 23.38 1.04 -10.90
C ALA B 43 23.01 2.39 -10.29
N GLY B 44 21.94 3.00 -10.83
CA GLY B 44 21.47 4.27 -10.31
C GLY B 44 20.88 4.12 -8.91
N LEU B 45 20.15 3.05 -8.72
CA LEU B 45 19.49 2.79 -7.44
C LEU B 45 20.47 2.60 -6.29
N LEU B 46 21.60 1.98 -6.58
CA LEU B 46 22.59 1.66 -5.55
C LEU B 46 23.80 2.57 -5.61
N ASP B 47 23.77 3.55 -6.51
CA ASP B 47 24.88 4.49 -6.63
C ASP B 47 26.21 3.76 -6.88
N ILE B 48 26.21 2.84 -7.82
CA ILE B 48 27.44 2.21 -8.27
C ILE B 48 27.56 2.46 -9.78
N THR B 49 28.66 2.06 -10.38
CA THR B 49 28.80 2.25 -11.82
C THR B 49 28.06 1.16 -12.58
N ALA B 50 27.45 1.50 -13.71
CA ALA B 50 26.85 0.49 -14.58
C ALA B 50 27.87 -0.60 -14.85
N GLY B 51 27.43 -1.85 -14.84
CA GLY B 51 28.36 -2.96 -14.97
C GLY B 51 28.89 -3.43 -13.63
N GLY B 52 28.65 -2.63 -12.58
CA GLY B 52 29.12 -2.96 -11.24
C GLY B 52 28.48 -4.20 -10.66
N ARG B 53 29.16 -4.80 -9.68
CA ARG B 53 28.74 -6.06 -9.09
C ARG B 53 27.69 -5.86 -8.01
N VAL B 54 26.55 -6.52 -8.17
CA VAL B 54 25.47 -6.45 -7.19
C VAL B 54 25.28 -7.80 -6.52
N LEU B 55 25.12 -7.80 -5.20
CA LEU B 55 24.69 -8.99 -4.51
C LEU B 55 23.18 -9.12 -4.55
N ARG B 56 22.68 -10.21 -5.15
CA ARG B 56 21.25 -10.51 -5.09
C ARG B 56 20.98 -11.65 -4.13
N ILE B 57 20.07 -11.41 -3.19
CA ILE B 57 19.65 -12.37 -2.22
C ILE B 57 18.18 -12.73 -2.44
N GLU B 58 17.87 -14.02 -2.53
CA GLU B 58 16.47 -14.47 -2.61
C GLU B 58 16.03 -15.21 -1.36
N ARG B 59 14.98 -14.72 -0.70
CA ARG B 59 14.49 -15.39 0.50
C ARG B 59 12.99 -15.68 0.47
N LEU B 60 12.63 -16.83 1.00
CA LEU B 60 11.22 -17.16 1.29
C LEU B 60 10.86 -16.73 2.71
N ARG B 61 9.81 -15.91 2.84
CA ARG B 61 9.36 -15.47 4.17
C ARG B 61 8.19 -16.29 4.66
N MET B 62 8.31 -16.80 5.88
CA MET B 62 7.24 -17.56 6.49
C MET B 62 6.75 -16.86 7.75
N ALA B 63 5.45 -16.96 8.01
CA ALA B 63 4.88 -16.50 9.26
C ALA B 63 4.23 -17.70 9.93
N ASN B 64 4.78 -18.10 11.07
CA ASN B 64 4.37 -19.31 11.76
C ASN B 64 4.50 -20.53 10.86
N GLY B 65 5.50 -20.51 9.98
CA GLY B 65 5.78 -21.64 9.12
C GLY B 65 5.08 -21.64 7.77
N GLU B 66 4.04 -20.82 7.61
CA GLU B 66 3.31 -20.75 6.34
C GLU B 66 3.97 -19.73 5.40
N PRO B 67 4.17 -20.11 4.14
CA PRO B 67 4.80 -19.22 3.15
C PRO B 67 4.01 -17.92 2.94
N MET B 68 4.68 -16.77 2.99
CA MET B 68 4.02 -15.47 2.92
C MET B 68 4.47 -14.60 1.74
N ALA B 69 5.77 -14.60 1.48
CA ALA B 69 6.35 -13.74 0.46
C ALA B 69 7.69 -14.25 -0.05
N ILE B 70 8.01 -13.89 -1.29
CA ILE B 70 9.36 -14.06 -1.79
C ILE B 70 9.99 -12.67 -1.88
N GLU B 71 11.18 -12.54 -1.33
CA GLU B 71 11.83 -11.25 -1.20
C GLU B 71 13.16 -11.30 -1.90
N THR B 72 13.37 -10.38 -2.83
CA THR B 72 14.61 -10.29 -3.59
C THR B 72 15.32 -8.99 -3.24
N THR B 73 16.51 -9.11 -2.65
CA THR B 73 17.26 -7.98 -2.13
C THR B 73 18.47 -7.72 -2.97
N HIS B 74 18.73 -6.44 -3.28
CA HIS B 74 19.93 -6.06 -4.04
C HIS B 74 20.79 -5.11 -3.25
N LEU B 75 22.08 -5.42 -3.11
CA LEU B 75 23.03 -4.52 -2.46
C LEU B 75 24.31 -4.41 -3.29
N SER B 76 25.08 -3.36 -3.03
CA SER B 76 26.41 -3.27 -3.64
C SER B 76 27.37 -4.32 -3.07
N ALA B 77 27.92 -5.16 -3.93
CA ALA B 77 28.80 -6.24 -3.48
C ALA B 77 30.04 -5.67 -2.85
N LYS B 78 30.58 -4.60 -3.42
CA LYS B 78 31.86 -4.08 -2.95
C LYS B 78 31.68 -3.47 -1.57
N ARG B 79 30.49 -2.98 -1.27
CA ARG B 79 30.25 -2.32 0.02
C ARG B 79 30.03 -3.31 1.16
N PHE B 80 29.66 -4.54 0.82
CA PHE B 80 29.30 -5.52 1.85
C PHE B 80 30.01 -6.86 1.70
N PRO B 81 31.31 -6.87 2.01
CA PRO B 81 32.09 -8.12 2.00
C PRO B 81 31.54 -9.09 3.02
N ALA B 82 31.55 -10.38 2.68
CA ALA B 82 31.12 -11.42 3.60
C ALA B 82 29.67 -11.25 4.04
N LEU B 83 28.85 -10.66 3.17
CA LEU B 83 27.44 -10.45 3.54
C LEU B 83 26.73 -11.80 3.67
N ARG B 84 27.04 -12.75 2.80
CA ARG B 84 26.40 -14.05 2.90
C ARG B 84 26.55 -14.72 4.27
N ARG B 85 27.77 -14.82 4.79
CA ARG B 85 27.92 -15.51 6.08
C ARG B 85 27.34 -14.67 7.21
N SER B 86 27.34 -13.35 7.02
CA SER B 86 26.78 -12.45 8.03
C SER B 86 25.24 -12.59 8.08
N LEU B 87 24.62 -12.81 6.92
CA LEU B 87 23.19 -13.05 6.90
C LEU B 87 22.87 -14.39 7.55
N VAL B 88 23.71 -15.39 7.31
CA VAL B 88 23.47 -16.68 7.94
C VAL B 88 23.57 -16.54 9.47
N LYS B 89 24.51 -15.70 9.91
CA LYS B 89 24.76 -15.48 11.33
C LYS B 89 23.58 -14.81 12.04
N TYR B 90 23.01 -13.75 11.44
CA TYR B 90 22.05 -12.95 12.17
C TYR B 90 20.60 -13.15 11.77
N THR B 91 20.40 -13.77 10.60
CA THR B 91 19.07 -14.04 10.03
C THR B 91 18.36 -12.78 9.55
N SER B 92 18.36 -11.73 10.36
CA SER B 92 17.82 -10.44 9.94
C SER B 92 18.88 -9.64 9.18
N LEU B 93 18.61 -9.27 7.92
CA LEU B 93 19.54 -8.42 7.18
C LEU B 93 19.81 -7.12 7.91
N TYR B 94 18.75 -6.54 8.47
CA TYR B 94 18.89 -5.27 9.14
C TYR B 94 19.76 -5.40 10.39
N THR B 95 19.57 -6.48 11.15
CA THR B 95 20.49 -6.72 12.27
C THR B 95 21.94 -6.89 11.78
N ALA B 96 22.14 -7.66 10.72
CA ALA B 96 23.48 -7.81 10.16
C ALA B 96 24.08 -6.46 9.75
N LEU B 97 23.28 -5.63 9.10
CA LEU B 97 23.78 -4.35 8.63
C LEU B 97 24.29 -3.51 9.80
N ALA B 98 23.50 -3.46 10.87
CA ALA B 98 23.87 -2.70 12.06
C ALA B 98 25.10 -3.28 12.76
N GLU B 99 25.04 -4.57 13.10
CA GLU B 99 26.05 -5.20 13.94
C GLU B 99 27.39 -5.41 13.23
N VAL B 100 27.32 -5.77 11.95
CA VAL B 100 28.52 -6.15 11.22
C VAL B 100 29.17 -4.97 10.49
N TYR B 101 28.35 -4.08 9.93
CA TYR B 101 28.85 -3.04 9.02
C TYR B 101 28.66 -1.63 9.55
N ASP B 102 28.01 -1.50 10.71
CA ASP B 102 27.66 -0.20 11.29
C ASP B 102 26.85 0.62 10.28
N VAL B 103 25.92 -0.06 9.62
CA VAL B 103 25.08 0.58 8.63
C VAL B 103 23.66 0.63 9.20
N HIS B 104 23.09 1.84 9.26
CA HIS B 104 21.78 2.06 9.87
C HIS B 104 20.85 2.80 8.92
N LEU B 105 19.68 2.23 8.70
CA LEU B 105 18.71 2.81 7.77
C LEU B 105 18.05 4.05 8.40
N ALA B 106 17.98 5.11 7.61
CA ALA B 106 17.40 6.38 8.04
C ALA B 106 16.05 6.63 7.37
N GLU B 107 15.98 6.36 6.08
CA GLU B 107 14.81 6.70 5.27
C GLU B 107 14.63 5.70 4.13
N ALA B 108 13.40 5.49 3.68
CA ALA B 108 13.16 4.65 2.50
C ALA B 108 11.92 5.10 1.73
N GLU B 109 11.85 4.78 0.45
CA GLU B 109 10.61 4.93 -0.30
C GLU B 109 10.05 3.55 -0.59
N GLU B 110 8.80 3.33 -0.21
CA GLU B 110 8.13 2.06 -0.49
C GLU B 110 7.11 2.24 -1.62
N THR B 111 7.13 1.33 -2.58
CA THR B 111 6.12 1.33 -3.66
C THR B 111 5.20 0.13 -3.44
N ILE B 112 3.90 0.33 -3.59
CA ILE B 112 2.96 -0.78 -3.44
C ILE B 112 2.11 -0.95 -4.70
N GLU B 113 2.11 -2.16 -5.24
CA GLU B 113 1.49 -2.47 -6.53
C GLU B 113 0.86 -3.84 -6.49
N THR B 114 0.13 -4.19 -7.54
CA THR B 114 -0.34 -5.57 -7.72
C THR B 114 0.46 -6.25 -8.80
N SER B 115 0.46 -7.58 -8.76
CA SER B 115 0.99 -8.37 -9.86
C SER B 115 0.35 -9.76 -9.83
N LEU B 116 0.75 -10.59 -10.77
CA LEU B 116 0.35 -12.00 -10.80
C LEU B 116 1.52 -12.88 -10.40
N ALA B 117 1.23 -14.01 -9.75
CA ALA B 117 2.27 -14.94 -9.35
C ALA B 117 2.84 -15.67 -10.55
N THR B 118 4.16 -15.70 -10.64
CA THR B 118 4.83 -16.52 -11.65
C THR B 118 4.82 -18.00 -11.25
N PRO B 119 5.07 -18.91 -12.22
CA PRO B 119 5.18 -20.33 -11.87
C PRO B 119 6.22 -20.58 -10.76
N ARG B 120 7.39 -19.95 -10.81
CA ARG B 120 8.39 -20.12 -9.75
C ARG B 120 7.82 -19.69 -8.39
N GLU B 121 7.21 -18.51 -8.36
CA GLU B 121 6.61 -17.98 -7.14
C GLU B 121 5.47 -18.83 -6.62
N ALA B 122 4.60 -19.28 -7.51
CA ALA B 122 3.47 -20.12 -7.10
C ALA B 122 3.98 -21.42 -6.48
N GLY B 123 5.01 -22.01 -7.09
CA GLY B 123 5.61 -23.23 -6.57
C GLY B 123 6.22 -23.04 -5.19
N LEU B 124 6.95 -21.93 -5.01
CA LEU B 124 7.60 -21.68 -3.73
C LEU B 124 6.61 -21.32 -2.63
N LEU B 125 5.49 -20.69 -3.01
CA LEU B 125 4.55 -20.16 -2.04
C LEU B 125 3.34 -21.09 -1.87
N GLY B 126 3.41 -22.25 -2.53
CA GLY B 126 2.35 -23.25 -2.45
C GLY B 126 0.98 -22.70 -2.82
N THR B 127 0.94 -21.93 -3.89
CA THR B 127 -0.29 -21.33 -4.36
C THR B 127 -0.44 -21.53 -5.86
N ASP B 128 -1.37 -20.81 -6.49
CA ASP B 128 -1.66 -20.99 -7.90
C ASP B 128 -0.92 -19.99 -8.78
N VAL B 129 -0.51 -20.44 -9.97
CA VAL B 129 -0.01 -19.52 -10.99
C VAL B 129 -1.14 -18.54 -11.30
N GLY B 130 -0.82 -17.26 -11.34
CA GLY B 130 -1.81 -16.25 -11.64
C GLY B 130 -2.62 -15.71 -10.46
N LEU B 131 -2.31 -16.14 -9.23
CA LEU B 131 -2.98 -15.57 -8.04
C LEU B 131 -2.57 -14.10 -7.90
N PRO B 132 -3.53 -13.21 -7.56
CA PRO B 132 -3.18 -11.79 -7.36
C PRO B 132 -2.21 -11.65 -6.21
N MET B 133 -1.16 -10.87 -6.43
CA MET B 133 -0.12 -10.72 -5.44
C MET B 133 0.07 -9.25 -5.12
N LEU B 134 0.47 -8.94 -3.90
CA LEU B 134 0.87 -7.57 -3.57
C LEU B 134 2.35 -7.49 -3.81
N MET B 135 2.77 -6.53 -4.63
CA MET B 135 4.17 -6.37 -4.96
C MET B 135 4.69 -5.08 -4.34
N LEU B 136 5.63 -5.22 -3.42
CA LEU B 136 6.18 -4.07 -2.71
C LEU B 136 7.65 -3.91 -3.05
N SER B 137 8.08 -2.69 -3.32
CA SER B 137 9.50 -2.40 -3.52
C SER B 137 9.97 -1.40 -2.47
N ARG B 138 11.16 -1.63 -1.91
CA ARG B 138 11.72 -0.68 -0.97
C ARG B 138 13.07 -0.20 -1.48
N HIS B 139 13.26 1.12 -1.43
CA HIS B 139 14.55 1.75 -1.75
C HIS B 139 14.99 2.50 -0.50
N SER B 140 16.07 2.06 0.14
CA SER B 140 16.43 2.56 1.46
C SER B 140 17.78 3.27 1.43
N GLN B 141 17.93 4.30 2.26
CA GLN B 141 19.24 4.93 2.39
C GLN B 141 19.68 4.95 3.85
N ASP B 142 20.98 5.00 4.09
CA ASP B 142 21.48 4.95 5.45
C ASP B 142 21.70 6.35 5.99
N ARG B 143 22.30 6.41 7.18
CA ARG B 143 22.49 7.68 7.89
C ARG B 143 23.57 8.55 7.26
N THR B 144 24.29 8.00 6.28
CA THR B 144 25.29 8.79 5.56
C THR B 144 24.67 9.34 4.27
N GLY B 145 23.41 9.02 4.04
CA GLY B 145 22.70 9.43 2.83
C GLY B 145 22.88 8.48 1.66
N GLN B 146 23.62 7.39 1.87
CA GLN B 146 23.90 6.45 0.78
C GLN B 146 22.77 5.44 0.66
N PRO B 147 22.37 5.11 -0.58
CA PRO B 147 21.40 4.02 -0.76
C PRO B 147 22.04 2.72 -0.30
N VAL B 148 21.27 1.87 0.36
CA VAL B 148 21.80 0.61 0.87
C VAL B 148 21.20 -0.58 0.12
N GLU B 149 19.90 -0.53 -0.09
CA GLU B 149 19.23 -1.70 -0.65
C GLU B 149 18.16 -1.30 -1.65
N TRP B 150 17.92 -2.17 -2.61
CA TRP B 150 16.71 -2.07 -3.40
C TRP B 150 16.10 -3.45 -3.40
N VAL B 151 14.86 -3.51 -2.95
CA VAL B 151 14.22 -4.80 -2.62
C VAL B 151 12.91 -4.88 -3.34
N ARG B 152 12.60 -6.05 -3.87
CA ARG B 152 11.29 -6.30 -4.44
C ARG B 152 10.71 -7.56 -3.83
N SER B 153 9.52 -7.45 -3.26
CA SER B 153 8.86 -8.60 -2.60
C SER B 153 7.46 -8.83 -3.15
N VAL B 154 7.13 -10.10 -3.33
CA VAL B 154 5.80 -10.52 -3.77
C VAL B 154 5.09 -11.24 -2.62
N TYR B 155 3.99 -10.68 -2.14
CA TYR B 155 3.19 -11.25 -1.04
C TYR B 155 1.95 -11.92 -1.57
N ARG B 156 1.60 -13.09 -1.02
CA ARG B 156 0.35 -13.75 -1.37
C ARG B 156 -0.79 -12.79 -1.14
N GLY B 157 -1.60 -12.57 -2.16
CA GLY B 157 -2.65 -11.58 -2.07
C GLY B 157 -3.72 -11.94 -1.05
N ASP B 158 -3.91 -13.23 -0.85
CA ASP B 158 -4.93 -13.73 0.07
C ASP B 158 -4.50 -13.71 1.55
N ARG B 159 -3.25 -13.34 1.84
CA ARG B 159 -2.74 -13.45 3.21
C ARG B 159 -2.20 -12.13 3.76
N TYR B 160 -1.95 -11.15 2.89
CA TYR B 160 -1.38 -9.89 3.37
C TYR B 160 -2.11 -8.60 3.05
N LYS B 161 -1.96 -7.66 3.97
CA LYS B 161 -2.43 -6.30 3.76
C LYS B 161 -1.50 -5.31 4.42
N PHE B 162 -1.38 -4.14 3.81
CA PHE B 162 -0.47 -3.17 4.38
C PHE B 162 -1.22 -1.96 4.84
N VAL B 163 -0.77 -1.45 5.99
CA VAL B 163 -1.49 -0.41 6.68
C VAL B 163 -0.59 0.81 6.82
N ALA B 164 -1.15 1.96 6.50
CA ALA B 164 -0.44 3.22 6.59
C ALA B 164 -1.21 4.23 7.42
N ARG B 165 -0.51 4.94 8.29
CA ARG B 165 -1.11 6.04 9.02
C ARG B 165 -0.92 7.35 8.26
N LEU B 166 -2.03 8.01 7.94
CA LEU B 166 -1.97 9.26 7.21
C LEU B 166 -2.22 10.45 8.13
N LYS B 167 -1.50 11.54 7.90
CA LYS B 167 -1.71 12.78 8.64
C LYS B 167 -1.55 13.97 7.71
N ARG B 168 -2.45 14.94 7.82
CA ARG B 168 -2.44 16.07 6.89
C ARG B 168 -1.38 17.11 7.29
N PRO B 169 -0.42 17.34 6.38
CA PRO B 169 0.63 18.37 6.53
C PRO B 169 0.09 19.74 6.91
#